data_1F48
#
_entry.id   1F48
#
_cell.length_a   73.523
_cell.length_b   75.715
_cell.length_c   222.714
_cell.angle_alpha   90.00
_cell.angle_beta   90.00
_cell.angle_gamma   90.00
#
_symmetry.space_group_name_H-M   'I 2 2 2'
#
loop_
_entity.id
_entity.type
_entity.pdbx_description
1 polymer 'ARSENITE-TRANSLOCATING ATPASE'
2 non-polymer 'ANTIMONY (III) ION'
3 non-polymer 'MAGNESIUM ION'
4 non-polymer 'CADMIUM ION'
5 non-polymer 'CHLORIDE ION'
6 non-polymer TRIHYDROXYANTIMONITE(III)
7 non-polymer "ADENOSINE-5'-DIPHOSPHATE"
8 water water
#
_entity_poly.entity_id   1
_entity_poly.type   'polypeptide(L)'
_entity_poly.pdbx_seq_one_letter_code
;MQFLQNIPPYLFFTGKGGVGKTSISCATAIRLAEQGKRVLLVSTDPASNVGQVFSQTIGNTIQAIASVPGLSALEIDPQA
AAQQYRARIVDPIKGVLPDDVVSSINEQLSGACTTEIAAFDEFTGLLTDASLLTRFDHIIFDTAPTGHTIRLLQLPGAWS
SFIDSNPEGASCLGPMAGLEKQREQYAYAVEALSDPKRTRLVLVARLQKSTLQEVARTHLELAAIGLKNQYLVINGVLPK
TEAANDTLAAAIWEREQEALANLPADLAGLPTDTLFLQPVNMVGVSALSRLLSTQPVASPSSDEYLQQRPDIPSLSALVD
DIARNEHGLIMLMGKGGVGKTTMAAAIAVRLADMGFDVHLTTSDPAAHLSMTLNGSLNNLQVSRIDPHEETERYRQHVLE
TKGKELDEAGKRLLEEDLRSPCTEEIAVFQAFSRVIREAGKRFVVMDTAPTGHTLLLLDATGAYHREIAKKMGEKGHFTT
PMMLLQDPERTKVLLVTLPETTPVLEAANLQADLERAGIHPWGWIINNSLSIADTRSPLLRMRAQQELPQIESVKRQHAS
RVALVPVLASEPTGIDKLKQLAGHHHHHH
;
_entity_poly.pdbx_strand_id   A
#
loop_
_chem_comp.id
_chem_comp.type
_chem_comp.name
_chem_comp.formula
ADP non-polymer ADENOSINE-5'-DIPHOSPHATE 'C10 H15 N5 O10 P2'
CD non-polymer 'CADMIUM ION' 'Cd 2'
CL non-polymer 'CHLORIDE ION' 'Cl -1'
MG non-polymer 'MAGNESIUM ION' 'Mg 2'
SB non-polymer 'ANTIMONY (III) ION' 'Sb 3'
SBO non-polymer TRIHYDROXYANTIMONITE(III) 'H3 O3 Sb'
#
# COMPACT_ATOMS: atom_id res chain seq x y z
N MET A 1 -23.72 13.33 -3.04
CA MET A 1 -22.40 13.30 -2.36
C MET A 1 -21.74 14.68 -2.45
N GLN A 2 -21.19 15.16 -1.33
CA GLN A 2 -20.52 16.45 -1.29
C GLN A 2 -19.34 16.47 -2.24
N PHE A 3 -18.58 15.37 -2.30
CA PHE A 3 -17.40 15.27 -3.13
C PHE A 3 -17.68 15.34 -4.61
N LEU A 4 -18.91 15.06 -4.97
CA LEU A 4 -19.37 15.06 -6.35
C LEU A 4 -19.86 16.45 -6.80
N GLN A 5 -19.99 17.38 -5.86
CA GLN A 5 -20.52 18.71 -6.18
C GLN A 5 -19.46 19.73 -6.57
N ASN A 6 -19.75 20.49 -7.63
CA ASN A 6 -18.91 21.58 -8.09
C ASN A 6 -17.41 21.23 -8.22
N ILE A 7 -17.14 20.05 -8.77
CA ILE A 7 -15.78 19.53 -8.95
C ILE A 7 -14.93 20.37 -9.91
N PRO A 8 -13.67 20.62 -9.56
CA PRO A 8 -12.85 21.40 -10.48
C PRO A 8 -12.33 20.47 -11.61
N PRO A 9 -11.55 21.02 -12.56
CA PRO A 9 -11.04 20.16 -13.64
C PRO A 9 -10.24 18.91 -13.27
N TYR A 10 -9.51 18.93 -12.15
CA TYR A 10 -8.71 17.76 -11.74
C TYR A 10 -9.23 17.15 -10.44
N LEU A 11 -9.44 15.85 -10.45
CA LEU A 11 -9.95 15.13 -9.31
C LEU A 11 -9.04 13.94 -9.10
N PHE A 12 -8.51 13.84 -7.89
CA PHE A 12 -7.59 12.77 -7.52
C PHE A 12 -8.14 11.97 -6.35
N PHE A 13 -8.04 10.65 -6.43
CA PHE A 13 -8.47 9.78 -5.35
C PHE A 13 -7.21 9.13 -4.78
N THR A 14 -7.08 9.21 -3.47
CA THR A 14 -5.98 8.59 -2.78
C THR A 14 -6.46 7.68 -1.63
N GLY A 15 -5.62 6.74 -1.25
CA GLY A 15 -5.98 5.80 -0.22
C GLY A 15 -5.30 4.47 -0.50
N LYS A 16 -5.19 3.63 0.51
CA LYS A 16 -4.50 2.34 0.39
C LYS A 16 -5.10 1.38 -0.66
N GLY A 17 -4.29 0.39 -1.03
CA GLY A 17 -4.69 -0.61 -2.00
C GLY A 17 -6.01 -1.28 -1.65
N GLY A 18 -6.93 -1.33 -2.62
CA GLY A 18 -8.20 -1.95 -2.35
C GLY A 18 -9.31 -1.12 -1.70
N VAL A 19 -9.06 0.10 -1.20
CA VAL A 19 -10.17 0.84 -0.56
C VAL A 19 -11.29 1.25 -1.52
N GLY A 20 -11.07 1.18 -2.84
CA GLY A 20 -12.10 1.54 -3.78
C GLY A 20 -11.84 2.75 -4.64
N LYS A 21 -10.57 3.17 -4.76
CA LYS A 21 -10.25 4.35 -5.54
C LYS A 21 -10.79 4.27 -6.98
N THR A 22 -10.34 3.26 -7.71
CA THR A 22 -10.76 3.04 -9.08
C THR A 22 -12.29 2.92 -9.20
N SER A 23 -12.91 2.11 -8.35
CA SER A 23 -14.37 1.93 -8.38
C SER A 23 -15.03 3.31 -8.25
N ILE A 24 -14.65 4.07 -7.22
CA ILE A 24 -15.22 5.39 -7.01
C ILE A 24 -14.94 6.37 -8.17
N SER A 25 -13.79 6.21 -8.81
CA SER A 25 -13.38 7.04 -9.93
C SER A 25 -14.23 6.77 -11.14
N CYS A 26 -14.47 5.49 -11.39
CA CYS A 26 -15.26 5.12 -12.56
C CYS A 26 -16.69 5.61 -12.39
N ALA A 27 -17.26 5.31 -11.24
CA ALA A 27 -18.63 5.71 -10.94
C ALA A 27 -18.77 7.21 -11.01
N THR A 28 -17.76 7.93 -10.52
CA THR A 28 -17.82 9.38 -10.56
C THR A 28 -17.83 9.79 -12.00
N ALA A 29 -16.85 9.29 -12.73
CA ALA A 29 -16.75 9.63 -14.14
C ALA A 29 -18.10 9.44 -14.89
N ILE A 30 -18.79 8.33 -14.63
CA ILE A 30 -20.06 8.06 -15.30
C ILE A 30 -21.06 9.16 -14.94
N ARG A 31 -21.19 9.40 -13.64
CA ARG A 31 -22.09 10.40 -13.12
C ARG A 31 -21.88 11.74 -13.82
N LEU A 32 -20.64 12.10 -14.03
CA LEU A 32 -20.30 13.36 -14.66
C LEU A 32 -20.64 13.38 -16.13
N ALA A 33 -20.30 12.30 -16.81
CA ALA A 33 -20.58 12.20 -18.23
C ALA A 33 -22.10 12.30 -18.47
N GLU A 34 -22.86 11.70 -17.57
CA GLU A 34 -24.31 11.73 -17.67
C GLU A 34 -24.95 13.08 -17.36
N GLN A 35 -24.19 14.01 -16.81
CA GLN A 35 -24.70 15.36 -16.54
C GLN A 35 -24.25 16.22 -17.74
N GLY A 36 -23.89 15.53 -18.81
CA GLY A 36 -23.46 16.21 -20.02
C GLY A 36 -22.05 16.75 -20.01
N LYS A 37 -21.21 16.23 -19.10
CA LYS A 37 -19.83 16.67 -18.97
C LYS A 37 -18.90 15.82 -19.82
N ARG A 38 -17.81 16.45 -20.25
CA ARG A 38 -16.80 15.76 -21.05
C ARG A 38 -15.80 15.27 -20.00
N VAL A 39 -15.69 13.96 -19.84
CA VAL A 39 -14.77 13.45 -18.84
C VAL A 39 -13.59 12.63 -19.33
N LEU A 40 -12.44 12.82 -18.69
CA LEU A 40 -11.26 12.00 -19.02
C LEU A 40 -10.93 11.23 -17.74
N LEU A 41 -10.96 9.91 -17.83
CA LEU A 41 -10.66 9.07 -16.68
C LEU A 41 -9.28 8.48 -16.92
N VAL A 42 -8.36 8.84 -16.04
CA VAL A 42 -7.02 8.35 -16.17
C VAL A 42 -6.79 7.15 -15.24
N SER A 43 -6.56 5.98 -15.84
CA SER A 43 -6.26 4.78 -15.08
C SER A 43 -4.74 4.81 -14.73
N THR A 44 -4.40 4.70 -13.46
CA THR A 44 -3.00 4.79 -13.11
C THR A 44 -2.40 3.57 -12.46
N ASP A 45 -3.18 2.50 -12.31
CA ASP A 45 -2.72 1.27 -11.63
C ASP A 45 -1.81 0.36 -12.43
N PRO A 46 -0.92 -0.37 -11.74
CA PRO A 46 0.04 -1.31 -12.34
C PRO A 46 -0.53 -2.41 -13.23
N ALA A 47 -1.67 -2.97 -12.86
CA ALA A 47 -2.28 -4.01 -13.70
C ALA A 47 -3.68 -3.50 -13.96
N SER A 48 -3.74 -2.32 -14.58
CA SER A 48 -4.98 -1.65 -14.89
C SER A 48 -6.05 -2.65 -15.24
N ASN A 49 -7.21 -2.51 -14.58
CA ASN A 49 -8.36 -3.39 -14.80
C ASN A 49 -9.57 -2.57 -15.21
N VAL A 50 -9.35 -1.30 -15.49
CA VAL A 50 -10.40 -0.37 -15.89
C VAL A 50 -11.08 -0.72 -17.23
N GLY A 51 -10.30 -1.24 -18.18
CA GLY A 51 -10.90 -1.60 -19.44
C GLY A 51 -12.01 -2.59 -19.14
N GLN A 52 -11.67 -3.55 -18.29
CA GLN A 52 -12.61 -4.59 -17.90
C GLN A 52 -13.94 -4.03 -17.37
N VAL A 53 -13.87 -3.07 -16.45
CA VAL A 53 -15.10 -2.50 -15.88
C VAL A 53 -15.99 -1.81 -16.92
N PHE A 54 -15.42 -1.47 -18.08
CA PHE A 54 -16.19 -0.84 -19.13
C PHE A 54 -16.30 -1.77 -20.34
N SER A 55 -15.86 -3.00 -20.15
CA SER A 55 -15.91 -4.02 -21.18
C SER A 55 -15.30 -3.59 -22.50
N GLN A 56 -14.08 -3.05 -22.45
CA GLN A 56 -13.40 -2.64 -23.66
C GLN A 56 -11.92 -2.45 -23.38
N THR A 57 -11.11 -2.41 -24.43
CA THR A 57 -9.67 -2.22 -24.23
C THR A 57 -9.33 -0.73 -24.24
N ILE A 58 -8.39 -0.36 -23.37
CA ILE A 58 -7.94 1.02 -23.26
C ILE A 58 -6.42 0.99 -23.36
N GLY A 59 -5.79 2.10 -23.72
CA GLY A 59 -4.34 2.08 -23.84
C GLY A 59 -3.70 3.37 -23.42
N ASN A 60 -2.48 3.60 -23.89
CA ASN A 60 -1.74 4.83 -23.57
C ASN A 60 -2.14 5.97 -24.49
N THR A 61 -3.25 5.74 -25.16
CA THR A 61 -3.84 6.65 -26.10
C THR A 61 -5.23 6.95 -25.55
N ILE A 62 -5.69 8.19 -25.69
CA ILE A 62 -7.01 8.56 -25.21
C ILE A 62 -8.04 7.99 -26.17
N GLN A 63 -8.92 7.16 -25.63
CA GLN A 63 -9.97 6.51 -26.39
C GLN A 63 -11.30 6.73 -25.71
N ALA A 64 -12.32 7.06 -26.48
CA ALA A 64 -13.64 7.28 -25.93
C ALA A 64 -14.20 5.97 -25.45
N ILE A 65 -15.06 6.00 -24.44
CA ILE A 65 -15.62 4.76 -23.95
C ILE A 65 -17.03 4.61 -24.49
N ALA A 66 -17.18 3.63 -25.36
CA ALA A 66 -18.42 3.33 -26.05
C ALA A 66 -19.71 3.43 -25.25
N SER A 67 -19.80 2.63 -24.20
CA SER A 67 -20.99 2.55 -23.34
C SER A 67 -21.32 3.80 -22.51
N VAL A 68 -20.41 4.77 -22.51
CA VAL A 68 -20.62 5.98 -21.73
C VAL A 68 -20.30 7.26 -22.54
N PRO A 69 -21.24 7.71 -23.40
CA PRO A 69 -20.96 8.93 -24.17
C PRO A 69 -20.58 10.06 -23.23
N GLY A 70 -19.53 10.79 -23.60
CA GLY A 70 -19.01 11.88 -22.77
C GLY A 70 -17.74 11.52 -22.02
N LEU A 71 -17.51 10.22 -21.86
CA LEU A 71 -16.36 9.71 -21.15
C LEU A 71 -15.34 9.04 -22.06
N SER A 72 -14.09 9.45 -21.88
CA SER A 72 -12.94 8.92 -22.60
C SER A 72 -11.96 8.39 -21.53
N ALA A 73 -11.01 7.57 -21.94
CA ALA A 73 -10.08 6.99 -20.98
C ALA A 73 -8.61 6.99 -21.44
N LEU A 74 -7.72 6.87 -20.46
CA LEU A 74 -6.30 6.86 -20.71
C LEU A 74 -5.61 6.05 -19.62
N GLU A 75 -4.80 5.12 -20.08
CA GLU A 75 -4.04 4.25 -19.22
C GLU A 75 -2.57 4.69 -19.16
N ILE A 76 -2.08 4.92 -17.96
CA ILE A 76 -0.68 5.28 -17.78
C ILE A 76 -0.06 4.17 -16.96
N ASP A 77 0.62 3.24 -17.62
CA ASP A 77 1.26 2.09 -16.97
C ASP A 77 2.42 2.59 -16.13
N PRO A 78 2.35 2.42 -14.79
CA PRO A 78 3.45 2.89 -13.95
C PRO A 78 4.71 1.99 -14.05
N GLN A 79 4.51 0.69 -14.20
CA GLN A 79 5.66 -0.20 -14.30
C GLN A 79 6.41 0.17 -15.54
N ALA A 80 5.66 0.32 -16.63
CA ALA A 80 6.25 0.70 -17.90
C ALA A 80 6.93 2.07 -17.81
N ALA A 81 6.32 3.01 -17.11
CA ALA A 81 6.91 4.34 -17.03
C ALA A 81 8.24 4.28 -16.28
N ALA A 82 8.26 3.45 -15.25
CA ALA A 82 9.46 3.30 -14.45
C ALA A 82 10.52 2.61 -15.29
N GLN A 83 10.12 1.55 -15.99
CA GLN A 83 11.03 0.81 -16.84
C GLN A 83 11.72 1.74 -17.83
N GLN A 84 10.97 2.69 -18.39
CA GLN A 84 11.50 3.64 -19.36
C GLN A 84 12.31 4.73 -18.69
N TYR A 85 11.88 5.09 -17.49
CA TYR A 85 12.59 6.10 -16.71
C TYR A 85 14.00 5.53 -16.45
N ARG A 86 14.01 4.24 -16.15
CA ARG A 86 15.23 3.52 -15.86
C ARG A 86 16.13 3.40 -17.10
N ALA A 87 15.54 3.00 -18.22
CA ALA A 87 16.26 2.84 -19.48
C ALA A 87 16.95 4.10 -19.96
N ARG A 88 16.33 5.25 -19.74
CA ARG A 88 16.92 6.50 -20.19
C ARG A 88 18.18 6.82 -19.41
N ILE A 89 18.24 6.32 -18.18
CA ILE A 89 19.40 6.59 -17.34
C ILE A 89 20.53 5.61 -17.53
N VAL A 90 20.16 4.36 -17.64
CA VAL A 90 21.11 3.29 -17.77
C VAL A 90 21.63 2.95 -19.17
N ASP A 91 20.78 3.00 -20.18
CA ASP A 91 21.24 2.66 -21.54
C ASP A 91 22.50 3.38 -21.98
N PRO A 92 22.61 4.67 -21.67
CA PRO A 92 23.80 5.43 -22.05
C PRO A 92 25.11 4.88 -21.51
N ILE A 93 25.06 4.20 -20.39
CA ILE A 93 26.25 3.67 -19.77
C ILE A 93 26.41 2.18 -19.92
N LYS A 94 25.48 1.52 -20.58
CA LYS A 94 25.63 0.09 -20.82
C LYS A 94 26.86 -0.04 -21.73
N GLY A 95 27.73 -0.99 -21.43
CA GLY A 95 28.90 -1.19 -22.24
C GLY A 95 29.90 -0.07 -22.13
N VAL A 96 29.71 0.80 -21.17
CA VAL A 96 30.61 1.92 -20.95
C VAL A 96 31.24 1.64 -19.60
N LEU A 97 30.42 1.69 -18.55
CA LEU A 97 30.89 1.40 -17.21
C LEU A 97 30.82 -0.09 -17.08
N PRO A 98 31.53 -0.67 -16.12
CA PRO A 98 31.48 -2.14 -15.95
C PRO A 98 30.11 -2.66 -15.52
N ASP A 99 29.82 -3.90 -15.91
CA ASP A 99 28.54 -4.53 -15.63
C ASP A 99 28.06 -4.47 -14.21
N ASP A 100 28.95 -4.67 -13.26
CA ASP A 100 28.51 -4.66 -11.88
C ASP A 100 28.14 -3.25 -11.43
N VAL A 101 28.80 -2.24 -12.02
CA VAL A 101 28.53 -0.85 -11.70
C VAL A 101 27.18 -0.41 -12.27
N VAL A 102 26.93 -0.72 -13.53
CA VAL A 102 25.68 -0.41 -14.20
C VAL A 102 24.56 -1.15 -13.45
N SER A 103 24.75 -2.43 -13.25
CA SER A 103 23.79 -3.28 -12.56
C SER A 103 23.42 -2.67 -11.18
N SER A 104 24.39 -2.00 -10.56
CA SER A 104 24.14 -1.38 -9.25
C SER A 104 23.29 -0.12 -9.39
N ILE A 105 23.55 0.63 -10.44
CA ILE A 105 22.79 1.82 -10.72
C ILE A 105 21.36 1.39 -11.10
N ASN A 106 21.25 0.30 -11.84
CA ASN A 106 19.94 -0.16 -12.23
C ASN A 106 19.12 -0.52 -10.99
N GLU A 107 19.73 -1.20 -10.02
CA GLU A 107 19.01 -1.59 -8.80
C GLU A 107 18.55 -0.36 -8.00
N GLN A 108 19.29 0.73 -8.10
CA GLN A 108 18.87 1.96 -7.40
C GLN A 108 17.65 2.57 -8.07
N LEU A 109 17.36 2.18 -9.31
CA LEU A 109 16.20 2.71 -10.04
C LEU A 109 15.10 1.67 -10.14
N SER A 110 15.11 0.73 -9.21
CA SER A 110 14.14 -0.37 -9.20
C SER A 110 13.19 -0.41 -8.00
N GLY A 111 13.22 0.61 -7.14
CA GLY A 111 12.34 0.64 -5.97
C GLY A 111 11.05 1.42 -6.21
N ALA A 112 10.16 1.34 -5.22
CA ALA A 112 8.87 2.04 -5.23
C ALA A 112 9.10 3.55 -5.42
N CYS A 113 10.15 4.09 -4.82
CA CYS A 113 10.44 5.51 -4.97
C CYS A 113 10.61 5.92 -6.42
N THR A 114 11.36 5.13 -7.19
CA THR A 114 11.52 5.44 -8.61
C THR A 114 10.14 5.38 -9.29
N THR A 115 9.38 4.32 -9.03
CA THR A 115 8.06 4.20 -9.64
C THR A 115 7.24 5.46 -9.35
N GLU A 116 7.24 5.90 -8.09
CA GLU A 116 6.51 7.09 -7.66
C GLU A 116 6.95 8.35 -8.47
N ILE A 117 8.26 8.57 -8.61
CA ILE A 117 8.77 9.72 -9.34
C ILE A 117 8.38 9.59 -10.82
N ALA A 118 8.43 8.38 -11.34
CA ALA A 118 8.07 8.18 -12.75
C ALA A 118 6.57 8.54 -12.92
N ALA A 119 5.75 8.06 -12.01
CA ALA A 119 4.35 8.38 -12.08
C ALA A 119 4.17 9.90 -12.09
N PHE A 120 4.88 10.59 -11.23
CA PHE A 120 4.75 12.03 -11.15
C PHE A 120 5.13 12.73 -12.44
N ASP A 121 6.11 12.18 -13.14
CA ASP A 121 6.56 12.73 -14.42
C ASP A 121 5.35 12.60 -15.38
N GLU A 122 4.58 11.53 -15.26
CA GLU A 122 3.38 11.33 -16.10
C GLU A 122 2.24 12.29 -15.70
N PHE A 123 1.98 12.43 -14.40
CA PHE A 123 0.94 13.34 -13.93
C PHE A 123 1.28 14.75 -14.44
N THR A 124 2.53 15.15 -14.23
CA THR A 124 3.03 16.45 -14.63
C THR A 124 2.66 16.82 -16.08
N GLY A 125 2.90 15.90 -17.02
CA GLY A 125 2.56 16.16 -18.40
C GLY A 125 1.05 16.44 -18.51
N LEU A 126 0.23 15.60 -17.88
CA LEU A 126 -1.20 15.81 -17.93
C LEU A 126 -1.62 17.14 -17.31
N LEU A 127 -1.10 17.43 -16.12
CA LEU A 127 -1.43 18.66 -15.43
C LEU A 127 -0.97 19.95 -16.08
N THR A 128 -0.09 19.84 -17.08
CA THR A 128 0.47 20.99 -17.75
C THR A 128 -0.02 21.14 -19.18
N ASP A 129 -0.75 20.14 -19.67
CA ASP A 129 -1.26 20.23 -21.00
C ASP A 129 -2.56 21.01 -20.93
N ALA A 130 -2.47 22.29 -21.28
CA ALA A 130 -3.60 23.21 -21.21
C ALA A 130 -4.73 22.82 -22.12
N SER A 131 -4.39 22.34 -23.31
CA SER A 131 -5.37 21.96 -24.32
C SER A 131 -6.33 20.91 -23.87
N LEU A 132 -5.87 20.05 -22.98
CA LEU A 132 -6.72 19.00 -22.48
C LEU A 132 -7.96 19.61 -21.84
N LEU A 133 -7.79 20.73 -21.15
CA LEU A 133 -8.92 21.39 -20.48
C LEU A 133 -9.77 22.15 -21.47
N THR A 134 -9.38 22.01 -22.72
CA THR A 134 -10.09 22.60 -23.83
C THR A 134 -11.04 21.53 -24.38
N ARG A 135 -10.67 20.27 -24.11
CA ARG A 135 -11.45 19.14 -24.57
C ARG A 135 -12.26 18.49 -23.45
N PHE A 136 -11.76 18.58 -22.21
CA PHE A 136 -12.47 17.97 -21.09
C PHE A 136 -12.89 18.94 -19.98
N ASP A 137 -13.99 18.61 -19.31
CA ASP A 137 -14.48 19.43 -18.19
C ASP A 137 -13.78 18.93 -16.94
N HIS A 138 -13.53 17.62 -16.92
CA HIS A 138 -12.87 16.99 -15.79
C HIS A 138 -11.91 15.89 -16.17
N ILE A 139 -10.81 15.83 -15.42
CA ILE A 139 -9.82 14.78 -15.61
C ILE A 139 -9.72 14.12 -14.24
N ILE A 140 -10.01 12.82 -14.19
CA ILE A 140 -10.01 12.07 -12.95
C ILE A 140 -8.91 11.04 -12.89
N PHE A 141 -8.22 10.99 -11.75
CA PHE A 141 -7.09 10.07 -11.54
C PHE A 141 -7.43 9.10 -10.42
N ASP A 142 -7.12 7.82 -10.61
CA ASP A 142 -7.46 6.91 -9.54
C ASP A 142 -6.35 6.66 -8.53
N THR A 143 -5.36 7.54 -8.52
CA THR A 143 -4.30 7.48 -7.53
C THR A 143 -3.87 8.90 -7.47
N ALA A 144 -3.06 9.18 -6.45
CA ALA A 144 -2.51 10.51 -6.24
C ALA A 144 -1.06 10.42 -5.78
N PRO A 145 -0.29 11.48 -6.04
CA PRO A 145 1.10 11.45 -5.62
C PRO A 145 1.12 11.64 -4.10
N THR A 146 2.21 11.23 -3.46
CA THR A 146 2.35 11.34 -2.01
C THR A 146 2.99 12.68 -1.61
N GLY A 147 2.91 13.02 -0.34
CA GLY A 147 3.51 14.27 0.14
C GLY A 147 5.01 14.24 -0.08
N HIS A 148 5.60 13.07 0.16
CA HIS A 148 7.04 12.88 0.00
C HIS A 148 7.50 13.14 -1.44
N THR A 149 6.77 12.61 -2.42
CA THR A 149 7.13 12.83 -3.81
C THR A 149 7.02 14.32 -4.16
N ILE A 150 5.95 14.95 -3.73
CA ILE A 150 5.78 16.37 -4.01
C ILE A 150 6.86 17.24 -3.34
N ARG A 151 7.15 16.98 -2.06
CA ARG A 151 8.18 17.76 -1.39
C ARG A 151 9.51 17.59 -2.13
N LEU A 152 9.85 16.35 -2.51
CA LEU A 152 11.09 16.12 -3.23
C LEU A 152 11.20 17.01 -4.43
N LEU A 153 10.11 17.08 -5.20
CA LEU A 153 10.16 17.90 -6.39
C LEU A 153 10.14 19.41 -6.15
N GLN A 154 9.75 19.84 -4.96
CA GLN A 154 9.74 21.28 -4.68
C GLN A 154 11.00 21.79 -4.00
N LEU A 155 11.97 20.90 -3.81
CA LEU A 155 13.23 21.26 -3.17
C LEU A 155 14.30 21.79 -4.12
N PRO A 156 14.78 22.99 -3.85
CA PRO A 156 15.81 23.57 -4.71
C PRO A 156 17.02 22.63 -4.86
N GLY A 157 17.33 21.88 -3.81
CA GLY A 157 18.44 20.97 -3.88
C GLY A 157 18.23 19.84 -4.88
N ALA A 158 16.98 19.59 -5.26
CA ALA A 158 16.75 18.52 -6.22
C ALA A 158 17.33 18.87 -7.58
N TRP A 159 17.66 20.15 -7.80
CA TRP A 159 18.21 20.56 -9.09
C TRP A 159 19.71 20.81 -9.02
N SER A 160 20.09 21.59 -8.01
CA SER A 160 21.48 21.95 -7.76
C SER A 160 22.09 21.07 -6.66
N SER A 161 22.23 19.76 -6.89
CA SER A 161 22.79 18.90 -5.85
C SER A 161 23.33 17.55 -6.29
N PHE A 162 24.59 17.32 -5.96
CA PHE A 162 25.26 16.08 -6.28
C PHE A 162 25.72 15.44 -5.00
N ILE A 163 24.96 14.44 -4.59
CA ILE A 163 25.21 13.71 -3.37
C ILE A 163 26.15 12.56 -3.63
N ASP A 164 27.38 12.68 -3.11
CA ASP A 164 28.42 11.65 -3.26
C ASP A 164 27.75 10.37 -3.69
N SER A 165 27.93 9.99 -4.96
CA SER A 165 27.32 8.77 -5.54
C SER A 165 27.01 7.70 -4.50
N ASN A 166 25.79 7.77 -3.98
CA ASN A 166 25.29 6.85 -2.95
C ASN A 166 26.08 5.54 -2.81
N PRO A 167 27.18 5.60 -2.04
CA PRO A 167 28.19 4.59 -1.68
C PRO A 167 27.62 3.42 -0.89
N GLU A 168 27.11 3.72 0.29
CA GLU A 168 26.50 2.71 1.13
C GLU A 168 25.17 2.44 0.42
N GLY A 169 24.71 3.45 -0.32
CA GLY A 169 23.50 3.34 -1.11
C GLY A 169 22.19 3.25 -0.35
N ALA A 170 22.05 4.00 0.73
CA ALA A 170 20.79 3.99 1.47
C ALA A 170 19.83 4.82 0.63
N SER A 171 20.32 5.27 -0.52
CA SER A 171 19.57 6.18 -1.37
C SER A 171 18.62 5.78 -2.47
N CYS A 172 17.56 6.58 -2.56
CA CYS A 172 16.53 6.48 -3.58
C CYS A 172 16.50 7.83 -4.32
N LEU A 173 17.61 8.57 -4.30
CA LEU A 173 17.63 9.84 -5.03
C LEU A 173 18.04 9.58 -6.46
N GLY A 174 18.49 8.36 -6.72
CA GLY A 174 18.89 8.00 -8.06
C GLY A 174 17.86 8.40 -9.11
N PRO A 175 16.56 8.18 -8.81
CA PRO A 175 15.48 8.52 -9.74
C PRO A 175 15.50 9.95 -10.26
N MET A 176 15.92 10.89 -9.42
CA MET A 176 15.90 12.31 -9.78
C MET A 176 16.66 12.56 -11.07
N ALA A 177 17.79 11.90 -11.22
CA ALA A 177 18.57 12.07 -12.42
C ALA A 177 17.69 11.92 -13.70
N GLY A 178 16.62 11.13 -13.60
CA GLY A 178 15.77 10.88 -14.76
C GLY A 178 14.67 11.86 -15.13
N LEU A 179 14.55 12.95 -14.40
CA LEU A 179 13.52 13.94 -14.67
C LEU A 179 13.57 14.46 -16.09
N GLU A 180 12.59 14.01 -16.87
CA GLU A 180 12.48 14.38 -18.26
C GLU A 180 12.27 15.88 -18.56
N LYS A 181 11.35 16.52 -17.83
CA LYS A 181 11.01 17.94 -18.04
C LYS A 181 11.81 18.99 -17.28
N GLN A 182 11.56 20.23 -17.68
CA GLN A 182 12.17 21.44 -17.12
C GLN A 182 11.63 21.76 -15.74
N ARG A 183 12.53 22.14 -14.83
CA ARG A 183 12.17 22.43 -13.46
C ARG A 183 10.85 23.17 -13.32
N GLU A 184 10.60 24.05 -14.27
CA GLU A 184 9.42 24.89 -14.30
C GLU A 184 8.08 24.12 -14.47
N GLN A 185 8.06 23.08 -15.30
CA GLN A 185 6.83 22.30 -15.48
C GLN A 185 6.39 21.56 -14.22
N TYR A 186 7.35 21.06 -13.42
CA TYR A 186 7.01 20.33 -12.19
C TYR A 186 6.46 21.34 -11.19
N ALA A 187 7.10 22.50 -11.18
CA ALA A 187 6.72 23.61 -10.30
C ALA A 187 5.26 23.95 -10.60
N TYR A 188 4.96 24.06 -11.89
CA TYR A 188 3.61 24.37 -12.35
C TYR A 188 2.65 23.27 -11.88
N ALA A 189 2.96 22.01 -12.22
CA ALA A 189 2.13 20.88 -11.79
C ALA A 189 1.83 20.99 -10.27
N VAL A 190 2.85 21.32 -9.48
CA VAL A 190 2.65 21.46 -8.04
C VAL A 190 1.70 22.62 -7.74
N GLU A 191 1.83 23.76 -8.42
CA GLU A 191 0.86 24.83 -8.20
C GLU A 191 -0.57 24.34 -8.55
N ALA A 192 -0.69 23.61 -9.65
CA ALA A 192 -1.96 23.11 -10.11
C ALA A 192 -2.54 22.20 -9.01
N LEU A 193 -1.70 21.38 -8.40
CA LEU A 193 -2.20 20.52 -7.32
C LEU A 193 -2.59 21.31 -6.09
N SER A 194 -1.90 22.40 -5.83
CA SER A 194 -2.19 23.22 -4.65
C SER A 194 -3.31 24.21 -4.86
N ASP A 195 -3.70 24.44 -6.10
CA ASP A 195 -4.75 25.40 -6.43
C ASP A 195 -6.11 24.76 -6.24
N PRO A 196 -6.88 25.21 -5.23
CA PRO A 196 -8.21 24.60 -5.04
C PRO A 196 -9.16 24.82 -6.21
N LYS A 197 -8.91 25.86 -7.00
CA LYS A 197 -9.78 26.11 -8.13
C LYS A 197 -9.49 25.10 -9.25
N ARG A 198 -8.32 24.47 -9.20
CA ARG A 198 -7.98 23.46 -10.20
C ARG A 198 -8.03 21.98 -9.80
N THR A 199 -7.66 21.70 -8.56
CA THR A 199 -7.57 20.35 -8.07
C THR A 199 -8.36 20.05 -6.79
N ARG A 200 -9.02 18.91 -6.79
CA ARG A 200 -9.75 18.44 -5.63
C ARG A 200 -9.19 17.08 -5.32
N LEU A 201 -8.88 16.87 -4.05
CA LEU A 201 -8.31 15.62 -3.59
C LEU A 201 -9.31 14.84 -2.74
N VAL A 202 -9.57 13.60 -3.12
CA VAL A 202 -10.48 12.75 -2.36
C VAL A 202 -9.75 11.66 -1.57
N LEU A 203 -9.86 11.74 -0.24
CA LEU A 203 -9.25 10.75 0.66
C LEU A 203 -10.27 9.62 0.84
N VAL A 204 -9.93 8.44 0.34
CA VAL A 204 -10.84 7.30 0.44
C VAL A 204 -10.42 6.46 1.63
N ALA A 205 -11.36 6.04 2.47
CA ALA A 205 -11.04 5.23 3.65
C ALA A 205 -12.12 4.23 3.99
N ARG A 206 -11.87 3.41 5.01
CA ARG A 206 -12.83 2.43 5.49
C ARG A 206 -13.13 2.76 6.96
N LEU A 207 -14.29 2.34 7.46
CA LEU A 207 -14.65 2.63 8.84
C LEU A 207 -13.95 1.67 9.80
N GLN A 208 -12.63 1.76 9.86
CA GLN A 208 -11.81 0.91 10.67
C GLN A 208 -10.83 1.89 11.32
N LYS A 209 -10.71 1.82 12.64
CA LYS A 209 -9.87 2.72 13.42
C LYS A 209 -8.44 2.92 12.88
N SER A 210 -7.82 1.81 12.46
CA SER A 210 -6.47 1.85 11.95
C SER A 210 -6.34 2.68 10.67
N THR A 211 -7.06 2.28 9.64
CA THR A 211 -7.04 2.98 8.36
C THR A 211 -7.30 4.46 8.58
N LEU A 212 -8.37 4.78 9.29
CA LEU A 212 -8.73 6.15 9.55
C LEU A 212 -7.54 6.97 10.06
N GLN A 213 -6.70 6.36 10.89
CA GLN A 213 -5.52 7.07 11.40
C GLN A 213 -4.49 7.26 10.32
N GLU A 214 -4.39 6.30 9.41
CA GLU A 214 -3.42 6.44 8.35
C GLU A 214 -3.89 7.56 7.43
N VAL A 215 -5.17 7.59 7.12
CA VAL A 215 -5.70 8.63 6.24
C VAL A 215 -5.52 10.02 6.87
N ALA A 216 -5.67 10.10 8.19
CA ALA A 216 -5.53 11.36 8.91
C ALA A 216 -4.18 11.95 8.64
N ARG A 217 -3.16 11.13 8.86
CA ARG A 217 -1.76 11.48 8.64
C ARG A 217 -1.52 11.90 7.19
N THR A 218 -2.22 11.24 6.26
CA THR A 218 -2.07 11.53 4.83
C THR A 218 -2.65 12.91 4.56
N HIS A 219 -3.75 13.18 5.25
CA HIS A 219 -4.41 14.45 5.17
C HIS A 219 -3.50 15.58 5.66
N LEU A 220 -2.81 15.36 6.79
CA LEU A 220 -1.94 16.41 7.31
C LEU A 220 -0.74 16.62 6.42
N GLU A 221 -0.17 15.56 5.91
CA GLU A 221 0.98 15.74 5.04
C GLU A 221 0.63 16.59 3.83
N LEU A 222 -0.50 16.29 3.21
CA LEU A 222 -0.93 16.98 2.01
C LEU A 222 -1.39 18.42 2.23
N ALA A 223 -2.05 18.68 3.36
CA ALA A 223 -2.49 20.05 3.61
C ALA A 223 -1.25 20.93 3.84
N ALA A 224 -0.26 20.37 4.52
CA ALA A 224 0.99 21.08 4.83
C ALA A 224 1.72 21.50 3.57
N ILE A 225 1.43 20.84 2.46
CA ILE A 225 2.07 21.13 1.19
C ILE A 225 1.27 22.10 0.35
N GLY A 226 0.02 22.33 0.73
CA GLY A 226 -0.81 23.24 -0.04
C GLY A 226 -2.08 22.62 -0.62
N LEU A 227 -2.21 21.30 -0.56
CA LEU A 227 -3.43 20.66 -1.05
C LEU A 227 -4.40 20.76 0.08
N LYS A 228 -5.26 21.77 0.01
CA LYS A 228 -6.21 21.99 1.07
C LYS A 228 -7.63 21.82 0.61
N ASN A 229 -7.80 21.40 -0.64
CA ASN A 229 -9.15 21.16 -1.11
C ASN A 229 -9.33 19.64 -0.97
N GLN A 230 -9.70 19.21 0.23
CA GLN A 230 -9.82 17.77 0.49
C GLN A 230 -11.17 17.31 1.00
N TYR A 231 -11.57 16.15 0.51
CA TYR A 231 -12.84 15.51 0.87
C TYR A 231 -12.55 14.07 1.28
N LEU A 232 -13.24 13.62 2.31
CA LEU A 232 -13.08 12.27 2.81
C LEU A 232 -14.27 11.45 2.40
N VAL A 233 -14.03 10.25 1.87
CA VAL A 233 -15.10 9.37 1.46
C VAL A 233 -14.89 8.00 2.14
N ILE A 234 -15.77 7.68 3.08
CA ILE A 234 -15.73 6.44 3.80
C ILE A 234 -16.53 5.43 3.00
N ASN A 235 -15.83 4.46 2.43
CA ASN A 235 -16.40 3.43 1.59
C ASN A 235 -16.63 2.07 2.30
N GLY A 236 -17.44 1.23 1.67
CA GLY A 236 -17.71 -0.11 2.19
C GLY A 236 -18.49 -0.29 3.48
N VAL A 237 -19.00 0.82 3.99
CA VAL A 237 -19.79 0.86 5.20
C VAL A 237 -20.94 -0.15 5.21
N LEU A 238 -21.08 -0.85 6.33
CA LEU A 238 -22.12 -1.85 6.49
C LEU A 238 -23.47 -1.21 6.86
N PRO A 239 -24.49 -1.36 6.00
CA PRO A 239 -25.81 -0.78 6.28
C PRO A 239 -26.41 -1.40 7.53
N LYS A 240 -26.87 -0.56 8.45
CA LYS A 240 -27.47 -1.01 9.71
C LYS A 240 -28.52 -2.12 9.57
N THR A 241 -29.42 -1.96 8.60
CA THR A 241 -30.46 -2.95 8.35
C THR A 241 -29.90 -4.37 8.54
N GLU A 242 -28.70 -4.57 8.01
CA GLU A 242 -28.00 -5.86 8.07
C GLU A 242 -27.59 -6.35 9.47
N ALA A 243 -27.55 -5.44 10.44
CA ALA A 243 -27.17 -5.82 11.81
C ALA A 243 -28.30 -6.58 12.47
N ALA A 244 -29.35 -6.82 11.69
CA ALA A 244 -30.53 -7.52 12.17
C ALA A 244 -30.39 -9.04 12.11
N ASN A 245 -30.39 -9.68 13.27
CA ASN A 245 -30.30 -11.13 13.32
C ASN A 245 -28.96 -11.71 12.88
N ASP A 246 -27.88 -11.29 13.55
CA ASP A 246 -26.55 -11.80 13.27
C ASP A 246 -25.49 -11.24 14.18
N THR A 247 -24.84 -12.13 14.92
CA THR A 247 -23.82 -11.72 15.84
C THR A 247 -22.70 -10.97 15.14
N LEU A 248 -22.20 -11.54 14.04
CA LEU A 248 -21.10 -10.93 13.31
C LEU A 248 -21.43 -9.57 12.70
N ALA A 249 -22.44 -9.53 11.84
CA ALA A 249 -22.88 -8.32 11.15
C ALA A 249 -23.26 -7.19 12.11
N ALA A 250 -23.95 -7.55 13.19
CA ALA A 250 -24.37 -6.58 14.19
C ALA A 250 -23.11 -6.07 14.90
N ALA A 251 -22.17 -6.95 15.14
CA ALA A 251 -20.93 -6.56 15.81
C ALA A 251 -20.07 -5.66 14.92
N ILE A 252 -20.01 -5.99 13.64
CA ILE A 252 -19.22 -5.16 12.72
C ILE A 252 -19.90 -3.81 12.64
N TRP A 253 -21.19 -3.82 12.33
CA TRP A 253 -21.96 -2.59 12.25
C TRP A 253 -21.69 -1.74 13.48
N GLU A 254 -21.51 -2.43 14.60
CA GLU A 254 -21.27 -1.78 15.88
C GLU A 254 -19.91 -1.11 15.95
N ARG A 255 -18.88 -1.79 15.47
CA ARG A 255 -17.53 -1.24 15.52
C ARG A 255 -17.37 -0.06 14.53
N GLU A 256 -17.97 -0.19 13.35
CA GLU A 256 -17.89 0.88 12.35
C GLU A 256 -18.55 2.10 12.97
N GLN A 257 -19.75 1.91 13.50
CA GLN A 257 -20.53 2.98 14.13
C GLN A 257 -19.69 3.76 15.13
N GLU A 258 -19.05 3.05 16.06
CA GLU A 258 -18.24 3.75 17.04
C GLU A 258 -17.32 4.65 16.25
N ALA A 259 -16.47 4.03 15.44
CA ALA A 259 -15.49 4.75 14.61
C ALA A 259 -16.07 5.90 13.79
N LEU A 260 -17.28 5.73 13.28
CA LEU A 260 -17.91 6.77 12.49
C LEU A 260 -18.15 7.99 13.36
N ALA A 261 -18.41 7.75 14.66
CA ALA A 261 -18.65 8.84 15.61
C ALA A 261 -17.36 9.34 16.27
N ASN A 262 -16.31 8.52 16.23
CA ASN A 262 -15.06 8.93 16.83
C ASN A 262 -13.96 9.03 15.78
N LEU A 263 -14.30 9.67 14.66
CA LEU A 263 -13.37 9.87 13.57
C LEU A 263 -12.19 10.63 14.14
N PRO A 264 -10.98 10.30 13.69
CA PRO A 264 -9.80 11.01 14.21
C PRO A 264 -9.98 12.50 14.04
N ALA A 265 -9.64 13.23 15.09
CA ALA A 265 -9.76 14.68 15.13
C ALA A 265 -9.45 15.42 13.84
N ASP A 266 -8.31 15.13 13.21
CA ASP A 266 -7.89 15.82 11.99
C ASP A 266 -8.81 15.67 10.78
N LEU A 267 -9.71 14.69 10.81
CA LEU A 267 -10.62 14.48 9.70
C LEU A 267 -12.03 14.98 9.97
N ALA A 268 -12.27 15.40 11.21
CA ALA A 268 -13.59 15.82 11.56
C ALA A 268 -14.07 17.07 10.85
N GLY A 269 -13.13 17.92 10.46
CA GLY A 269 -13.53 19.12 9.77
C GLY A 269 -13.75 18.92 8.27
N LEU A 270 -13.36 17.78 7.72
CA LEU A 270 -13.52 17.54 6.30
C LEU A 270 -14.87 17.07 5.82
N PRO A 271 -15.25 17.51 4.63
CA PRO A 271 -16.53 17.06 4.11
C PRO A 271 -16.39 15.56 3.94
N THR A 272 -17.29 14.83 4.59
CA THR A 272 -17.34 13.37 4.65
C THR A 272 -18.62 12.79 4.02
N ASP A 273 -18.48 11.76 3.20
CA ASP A 273 -19.61 11.10 2.58
C ASP A 273 -19.36 9.63 2.91
N THR A 274 -20.38 8.77 2.83
CA THR A 274 -20.15 7.37 3.05
C THR A 274 -20.79 6.58 1.90
N LEU A 275 -20.13 5.52 1.47
CA LEU A 275 -20.65 4.67 0.42
C LEU A 275 -20.85 3.30 1.08
N PHE A 276 -21.99 2.71 0.79
CA PHE A 276 -22.35 1.43 1.37
C PHE A 276 -21.69 0.27 0.69
N LEU A 277 -21.39 -0.75 1.48
CA LEU A 277 -20.79 -1.97 0.97
C LEU A 277 -21.79 -2.62 0.00
N GLN A 278 -21.34 -2.92 -1.20
CA GLN A 278 -22.18 -3.53 -2.20
C GLN A 278 -22.04 -5.06 -2.16
N PRO A 279 -23.07 -5.78 -2.56
CA PRO A 279 -23.05 -7.25 -2.55
C PRO A 279 -22.13 -7.91 -3.58
N VAL A 280 -22.02 -7.31 -4.76
CA VAL A 280 -21.17 -7.88 -5.79
C VAL A 280 -20.14 -6.87 -6.23
N ASN A 281 -18.93 -7.34 -6.51
CA ASN A 281 -17.90 -6.44 -6.98
C ASN A 281 -18.41 -5.88 -8.31
N MET A 282 -18.56 -4.56 -8.36
CA MET A 282 -19.07 -3.88 -9.55
C MET A 282 -18.35 -4.23 -10.83
N VAL A 283 -19.12 -4.68 -11.82
CA VAL A 283 -18.50 -5.04 -13.07
C VAL A 283 -18.95 -4.17 -14.23
N GLY A 284 -20.09 -3.50 -14.08
CA GLY A 284 -20.56 -2.66 -15.17
C GLY A 284 -21.07 -1.30 -14.71
N VAL A 285 -21.66 -0.54 -15.64
CA VAL A 285 -22.15 0.80 -15.32
C VAL A 285 -23.28 0.81 -14.31
N SER A 286 -24.17 -0.15 -14.42
CA SER A 286 -25.30 -0.24 -13.51
C SER A 286 -24.75 -0.41 -12.10
N ALA A 287 -23.84 -1.38 -11.98
CA ALA A 287 -23.20 -1.70 -10.72
C ALA A 287 -22.43 -0.52 -10.17
N LEU A 288 -21.58 0.09 -11.01
CA LEU A 288 -20.79 1.24 -10.56
C LEU A 288 -21.64 2.37 -10.07
N SER A 289 -22.73 2.63 -10.78
CA SER A 289 -23.61 3.73 -10.42
C SER A 289 -24.36 3.51 -9.12
N ARG A 290 -24.57 2.25 -8.78
CA ARG A 290 -25.27 1.87 -7.56
C ARG A 290 -24.48 2.27 -6.33
N LEU A 291 -23.17 2.37 -6.52
CA LEU A 291 -22.21 2.71 -5.48
C LEU A 291 -22.46 4.09 -4.89
N LEU A 292 -22.95 5.04 -5.68
CA LEU A 292 -23.19 6.38 -5.17
C LEU A 292 -24.52 6.56 -4.51
N SER A 293 -25.24 5.46 -4.33
CA SER A 293 -26.56 5.48 -3.68
C SER A 293 -26.50 6.02 -2.24
N THR A 294 -27.58 6.70 -1.83
CA THR A 294 -27.69 7.27 -0.49
C THR A 294 -28.43 6.33 0.45
N GLN A 295 -29.01 5.28 -0.12
CA GLN A 295 -29.75 4.28 0.66
C GLN A 295 -29.40 2.89 0.14
N PRO A 296 -29.25 1.90 1.05
CA PRO A 296 -28.90 0.50 0.73
C PRO A 296 -29.66 -0.14 -0.45
N ARG A 309 -17.47 -23.13 1.06
CA ARG A 309 -16.30 -23.02 1.93
C ARG A 309 -15.03 -23.48 1.24
N PRO A 310 -14.07 -22.56 1.07
CA PRO A 310 -12.80 -22.87 0.42
C PRO A 310 -11.99 -23.87 1.24
N ASP A 311 -11.32 -24.80 0.56
CA ASP A 311 -10.52 -25.79 1.26
C ASP A 311 -9.09 -25.30 1.50
N ILE A 312 -8.94 -24.48 2.54
CA ILE A 312 -7.66 -23.92 2.92
C ILE A 312 -7.46 -24.11 4.41
N PRO A 313 -6.30 -24.61 4.80
CA PRO A 313 -5.97 -24.86 6.20
C PRO A 313 -6.01 -23.60 7.05
N SER A 314 -6.12 -23.82 8.35
CA SER A 314 -6.17 -22.76 9.32
C SER A 314 -4.76 -22.25 9.55
N LEU A 315 -4.66 -21.12 10.25
CA LEU A 315 -3.37 -20.54 10.57
C LEU A 315 -2.64 -21.55 11.44
N SER A 316 -3.42 -22.29 12.23
CA SER A 316 -2.88 -23.34 13.11
C SER A 316 -2.06 -24.32 12.30
N ALA A 317 -2.57 -24.68 11.13
CA ALA A 317 -1.85 -25.61 10.25
C ALA A 317 -0.47 -25.04 9.87
N LEU A 318 -0.40 -23.75 9.55
CA LEU A 318 0.88 -23.17 9.18
C LEU A 318 1.82 -23.15 10.37
N VAL A 319 1.29 -22.81 11.55
CA VAL A 319 2.15 -22.80 12.72
C VAL A 319 2.60 -24.25 12.94
N ASP A 320 1.66 -25.19 12.78
CA ASP A 320 1.99 -26.59 12.93
C ASP A 320 3.32 -26.87 12.18
N ASP A 321 3.36 -26.63 10.85
CA ASP A 321 4.57 -26.89 10.04
C ASP A 321 5.76 -26.03 10.38
N ILE A 322 5.51 -24.82 10.85
CA ILE A 322 6.64 -23.98 11.22
C ILE A 322 7.30 -24.57 12.47
N ALA A 323 6.49 -25.20 13.32
CA ALA A 323 6.95 -25.79 14.57
C ALA A 323 7.95 -26.91 14.36
N ARG A 324 7.73 -27.67 13.29
CA ARG A 324 8.58 -28.80 12.94
C ARG A 324 10.06 -28.69 13.29
N ASN A 325 10.77 -27.59 12.98
CA ASN A 325 12.17 -27.63 13.38
C ASN A 325 12.64 -26.94 14.66
N GLU A 326 11.72 -26.72 15.59
CA GLU A 326 12.04 -26.12 16.89
C GLU A 326 12.69 -24.77 16.97
N HIS A 327 13.01 -24.17 15.84
CA HIS A 327 13.62 -22.85 15.86
C HIS A 327 13.56 -22.20 14.49
N GLY A 328 14.01 -20.95 14.40
CA GLY A 328 13.99 -20.24 13.13
C GLY A 328 13.43 -18.81 13.11
N LEU A 329 13.70 -18.13 12.02
CA LEU A 329 13.27 -16.77 11.82
C LEU A 329 12.01 -16.77 10.98
N ILE A 330 10.92 -16.25 11.55
CA ILE A 330 9.63 -16.16 10.88
C ILE A 330 9.40 -14.68 10.66
N MET A 331 9.33 -14.28 9.38
CA MET A 331 9.14 -12.89 9.05
C MET A 331 7.84 -12.63 8.34
N LEU A 332 7.01 -11.79 8.94
CA LEU A 332 5.72 -11.45 8.32
C LEU A 332 5.85 -10.21 7.42
N MET A 333 5.39 -10.36 6.17
CA MET A 333 5.50 -9.27 5.21
C MET A 333 4.17 -9.01 4.53
N GLY A 334 4.03 -7.80 3.97
CA GLY A 334 2.79 -7.45 3.30
C GLY A 334 2.57 -5.94 3.40
N LYS A 335 1.58 -5.43 2.67
CA LYS A 335 1.32 -4.01 2.67
C LYS A 335 0.85 -3.55 4.04
N GLY A 336 0.72 -2.24 4.22
CA GLY A 336 0.28 -1.76 5.51
C GLY A 336 -1.15 -2.11 5.80
N GLY A 337 -1.44 -2.39 7.08
CA GLY A 337 -2.78 -2.71 7.53
C GLY A 337 -3.40 -4.03 7.15
N VAL A 338 -2.62 -4.95 6.56
CA VAL A 338 -3.20 -6.23 6.18
C VAL A 338 -3.26 -7.18 7.37
N GLY A 339 -2.51 -6.87 8.43
CA GLY A 339 -2.55 -7.72 9.58
C GLY A 339 -1.26 -8.41 9.98
N LYS A 340 -0.10 -7.87 9.59
CA LYS A 340 1.17 -8.47 9.94
C LYS A 340 1.42 -8.52 11.45
N THR A 341 1.19 -7.43 12.14
CA THR A 341 1.43 -7.41 13.58
C THR A 341 0.46 -8.37 14.31
N THR A 342 -0.74 -8.50 13.76
CA THR A 342 -1.72 -9.36 14.36
C THR A 342 -1.32 -10.80 14.12
N MET A 343 -0.92 -11.11 12.88
CA MET A 343 -0.54 -12.47 12.57
C MET A 343 0.72 -12.82 13.34
N ALA A 344 1.66 -11.91 13.39
CA ALA A 344 2.89 -12.19 14.10
C ALA A 344 2.59 -12.55 15.54
N ALA A 345 1.68 -11.81 16.17
CA ALA A 345 1.33 -12.06 17.57
C ALA A 345 0.69 -13.42 17.75
N ALA A 346 -0.24 -13.76 16.86
CA ALA A 346 -0.95 -15.05 16.91
C ALA A 346 0.02 -16.22 16.77
N ILE A 347 0.92 -16.11 15.80
CA ILE A 347 1.88 -17.16 15.55
C ILE A 347 2.76 -17.33 16.77
N ALA A 348 3.15 -16.23 17.38
CA ALA A 348 4.02 -16.29 18.53
C ALA A 348 3.31 -16.89 19.72
N VAL A 349 2.01 -16.66 19.82
CA VAL A 349 1.26 -17.16 20.95
C VAL A 349 1.09 -18.66 20.84
N ARG A 350 0.75 -19.12 19.65
CA ARG A 350 0.58 -20.54 19.44
C ARG A 350 1.85 -21.33 19.72
N LEU A 351 2.97 -20.90 19.16
CA LEU A 351 4.25 -21.56 19.39
C LEU A 351 4.49 -21.67 20.91
N ALA A 352 4.45 -20.52 21.57
CA ALA A 352 4.65 -20.42 23.01
C ALA A 352 3.75 -21.41 23.75
N ASP A 353 2.46 -21.35 23.44
CA ASP A 353 1.50 -22.23 24.09
C ASP A 353 1.79 -23.70 23.83
N MET A 354 2.65 -23.99 22.86
CA MET A 354 2.96 -25.39 22.61
C MET A 354 4.36 -25.71 23.10
N GLY A 355 4.84 -24.93 24.07
CA GLY A 355 6.14 -25.21 24.68
C GLY A 355 7.42 -24.76 24.00
N PHE A 356 7.30 -23.96 22.95
CA PHE A 356 8.48 -23.49 22.24
C PHE A 356 9.01 -22.18 22.77
N ASP A 357 10.25 -21.88 22.47
CA ASP A 357 10.81 -20.62 22.92
C ASP A 357 10.57 -19.59 21.81
N VAL A 358 9.85 -18.53 22.12
CA VAL A 358 9.56 -17.53 21.12
C VAL A 358 9.91 -16.15 21.58
N HIS A 359 10.51 -15.39 20.68
CA HIS A 359 10.85 -14.00 20.92
C HIS A 359 10.18 -13.25 19.77
N LEU A 360 9.09 -12.55 20.10
CA LEU A 360 8.31 -11.77 19.15
C LEU A 360 8.81 -10.31 19.15
N THR A 361 9.12 -9.78 17.97
CA THR A 361 9.56 -8.39 17.90
C THR A 361 8.52 -7.55 17.15
N THR A 362 8.33 -6.32 17.58
CA THR A 362 7.37 -5.47 16.89
C THR A 362 7.80 -4.02 16.84
N SER A 363 7.29 -3.34 15.81
CA SER A 363 7.55 -1.95 15.55
C SER A 363 6.34 -1.14 15.94
N ASP A 364 5.38 -1.79 16.58
CA ASP A 364 4.15 -1.11 17.00
C ASP A 364 3.93 -1.24 18.51
N PRO A 365 3.74 -0.10 19.19
CA PRO A 365 3.52 -0.15 20.65
C PRO A 365 2.08 -0.53 21.04
N ALA A 366 1.82 -1.83 21.17
CA ALA A 366 0.50 -2.31 21.56
C ALA A 366 0.44 -3.85 21.65
N ALA A 367 0.36 -4.38 22.87
CA ALA A 367 0.30 -5.82 23.09
C ALA A 367 0.14 -6.14 24.59
N HIS A 368 -0.95 -6.81 24.92
CA HIS A 368 -1.27 -7.20 26.28
C HIS A 368 -0.10 -7.64 27.15
N LEU A 369 0.47 -8.81 26.85
CA LEU A 369 1.59 -9.39 27.61
C LEU A 369 1.16 -9.77 29.02
N ASN A 378 7.50 -17.98 30.94
CA ASN A 378 6.35 -17.82 30.04
C ASN A 378 6.78 -18.11 28.60
N ASN A 379 8.07 -18.41 28.43
CA ASN A 379 8.70 -18.69 27.14
C ASN A 379 8.16 -17.96 25.90
N LEU A 380 7.88 -16.68 26.10
CA LEU A 380 7.45 -15.75 25.06
C LEU A 380 7.86 -14.39 25.57
N GLN A 381 8.95 -13.88 25.02
CA GLN A 381 9.42 -12.57 25.39
C GLN A 381 9.11 -11.65 24.20
N VAL A 382 8.74 -10.43 24.52
CA VAL A 382 8.39 -9.46 23.48
C VAL A 382 9.28 -8.24 23.49
N SER A 383 9.82 -7.91 22.32
CA SER A 383 10.64 -6.73 22.19
C SER A 383 9.89 -5.83 21.24
N ARG A 384 9.59 -4.61 21.68
CA ARG A 384 8.90 -3.65 20.84
C ARG A 384 9.93 -2.59 20.60
N ILE A 385 10.11 -2.18 19.35
CA ILE A 385 11.07 -1.11 19.13
C ILE A 385 10.26 0.07 18.68
N ASP A 386 10.82 1.25 18.87
CA ASP A 386 10.17 2.47 18.51
C ASP A 386 10.68 2.92 17.13
N PRO A 387 9.80 2.83 16.12
CA PRO A 387 10.16 3.22 14.74
C PRO A 387 10.75 4.61 14.65
N HIS A 388 10.12 5.54 15.35
CA HIS A 388 10.55 6.93 15.37
C HIS A 388 11.96 7.10 15.91
N GLU A 389 12.30 6.45 17.02
CA GLU A 389 13.65 6.63 17.52
C GLU A 389 14.71 5.93 16.68
N GLU A 390 14.35 4.81 16.07
CA GLU A 390 15.28 4.09 15.22
C GLU A 390 15.48 4.86 13.93
N THR A 391 14.40 5.43 13.42
CA THR A 391 14.50 6.17 12.19
C THR A 391 15.45 7.32 12.42
N GLU A 392 15.26 8.04 13.52
CA GLU A 392 16.14 9.16 13.82
C GLU A 392 17.62 8.79 14.03
N ARG A 393 17.90 7.60 14.56
CA ARG A 393 19.30 7.20 14.73
C ARG A 393 19.91 7.02 13.35
N TYR A 394 19.20 6.25 12.54
CA TYR A 394 19.60 5.91 11.18
C TYR A 394 19.76 7.20 10.37
N ARG A 395 18.79 8.10 10.49
CA ARG A 395 18.85 9.37 9.79
C ARG A 395 20.08 10.15 10.22
N GLN A 396 20.37 10.15 11.52
CA GLN A 396 21.51 10.88 12.05
C GLN A 396 22.78 10.32 11.42
N HIS A 397 22.84 9.00 11.39
CA HIS A 397 23.99 8.29 10.85
C HIS A 397 24.26 8.63 9.40
N VAL A 398 23.24 8.50 8.57
CA VAL A 398 23.38 8.76 7.15
C VAL A 398 23.63 10.23 6.88
N LEU A 399 23.40 11.08 7.87
CA LEU A 399 23.62 12.51 7.68
C LEU A 399 25.07 12.89 7.89
N GLU A 400 25.71 12.32 8.92
CA GLU A 400 27.10 12.67 9.17
C GLU A 400 28.01 12.01 8.16
N THR A 401 27.51 10.92 7.60
CA THR A 401 28.20 10.07 6.66
C THR A 401 28.16 10.52 5.18
N LYS A 402 26.97 10.86 4.69
CA LYS A 402 26.81 11.30 3.29
C LYS A 402 26.61 12.82 3.18
N GLY A 403 26.17 13.43 4.28
CA GLY A 403 25.89 14.85 4.26
C GLY A 403 27.03 15.83 4.32
N LYS A 404 28.23 15.37 4.61
CA LYS A 404 29.32 16.33 4.67
C LYS A 404 29.62 16.87 3.29
N GLU A 405 30.03 18.13 3.23
CA GLU A 405 30.35 18.77 1.95
C GLU A 405 29.10 19.18 1.18
N LEU A 406 27.93 18.80 1.67
CA LEU A 406 26.70 19.19 1.00
C LEU A 406 26.30 20.56 1.53
N ASP A 407 25.86 21.48 0.66
CA ASP A 407 25.41 22.78 1.18
C ASP A 407 24.03 22.60 1.90
N GLU A 408 23.44 23.67 2.42
CA GLU A 408 22.16 23.50 3.10
C GLU A 408 21.05 22.92 2.24
N ALA A 409 20.90 23.40 1.03
CA ALA A 409 19.91 22.90 0.10
C ALA A 409 20.17 21.42 -0.22
N GLY A 410 21.42 21.01 -0.20
CA GLY A 410 21.70 19.61 -0.48
C GLY A 410 21.32 18.72 0.69
N LYS A 411 21.55 19.22 1.90
CA LYS A 411 21.23 18.48 3.11
C LYS A 411 19.71 18.27 3.25
N ARG A 412 18.94 19.28 2.87
CA ARG A 412 17.49 19.15 2.96
C ARG A 412 16.99 18.11 1.98
N LEU A 413 17.64 18.00 0.81
CA LEU A 413 17.26 17.01 -0.18
C LEU A 413 17.53 15.63 0.39
N LEU A 414 18.68 15.50 1.02
CA LEU A 414 19.07 14.25 1.65
C LEU A 414 18.10 13.95 2.81
N GLU A 415 17.72 14.99 3.58
CA GLU A 415 16.81 14.74 4.69
C GLU A 415 15.47 14.32 4.16
N GLU A 416 15.10 14.79 2.99
CA GLU A 416 13.82 14.39 2.47
C GLU A 416 13.94 12.96 1.95
N ASP A 417 15.12 12.60 1.44
CA ASP A 417 15.33 11.24 0.96
C ASP A 417 15.16 10.34 2.19
N LEU A 418 15.60 10.81 3.36
CA LEU A 418 15.49 10.03 4.59
C LEU A 418 14.09 10.07 5.18
N ARG A 419 13.14 10.45 4.36
CA ARG A 419 11.75 10.53 4.75
C ARG A 419 10.98 9.58 3.81
N SER A 420 11.72 8.80 3.02
CA SER A 420 11.11 7.82 2.09
C SER A 420 10.49 6.76 2.99
N PRO A 421 9.43 6.10 2.54
CA PRO A 421 8.83 5.05 3.37
C PRO A 421 9.86 3.99 3.77
N CYS A 422 10.80 3.70 2.89
CA CYS A 422 11.81 2.67 3.16
C CYS A 422 12.85 3.05 4.22
N THR A 423 12.97 4.33 4.51
CA THR A 423 13.92 4.81 5.51
C THR A 423 13.58 4.12 6.83
N GLU A 424 12.32 4.22 7.22
CA GLU A 424 11.87 3.59 8.44
C GLU A 424 11.99 2.05 8.35
N GLU A 425 11.67 1.49 7.18
CA GLU A 425 11.74 0.03 7.03
C GLU A 425 13.18 -0.45 7.18
N ILE A 426 14.14 0.39 6.82
CA ILE A 426 15.52 -0.01 6.96
C ILE A 426 16.00 0.10 8.39
N ALA A 427 15.62 1.19 9.05
CA ALA A 427 16.05 1.43 10.42
C ALA A 427 15.48 0.43 11.43
N VAL A 428 14.23 0.02 11.22
CA VAL A 428 13.56 -0.94 12.10
C VAL A 428 14.18 -2.31 11.86
N PHE A 429 14.50 -2.59 10.59
CA PHE A 429 15.10 -3.86 10.27
C PHE A 429 16.47 -3.86 10.93
N GLN A 430 17.15 -2.72 10.87
CA GLN A 430 18.46 -2.57 11.49
C GLN A 430 18.36 -3.03 12.95
N ALA A 431 17.47 -2.40 13.69
CA ALA A 431 17.28 -2.72 15.10
C ALA A 431 16.93 -4.20 15.32
N PHE A 432 15.94 -4.71 14.59
CA PHE A 432 15.51 -6.11 14.70
C PHE A 432 16.70 -7.04 14.59
N SER A 433 17.73 -6.59 13.88
CA SER A 433 18.90 -7.39 13.64
C SER A 433 19.67 -7.80 14.87
N ARG A 434 19.46 -7.09 15.98
CA ARG A 434 20.15 -7.45 17.21
C ARG A 434 19.69 -8.84 17.67
N VAL A 435 18.39 -9.07 17.61
CA VAL A 435 17.78 -10.32 18.04
C VAL A 435 17.62 -11.37 16.95
N ILE A 436 17.88 -11.01 15.70
CA ILE A 436 17.73 -11.98 14.62
C ILE A 436 18.76 -13.08 14.81
N ARG A 437 19.68 -12.87 15.76
CA ARG A 437 20.72 -13.84 16.06
C ARG A 437 20.18 -15.07 16.82
N GLU A 438 19.08 -14.87 17.53
CA GLU A 438 18.45 -15.90 18.35
C GLU A 438 17.63 -16.92 17.57
N ALA A 439 17.49 -16.73 16.26
CA ALA A 439 16.72 -17.65 15.45
C ALA A 439 17.44 -19.00 15.34
N GLY A 440 18.65 -19.09 15.90
CA GLY A 440 19.39 -20.33 15.86
C GLY A 440 19.08 -21.20 17.06
N LYS A 441 18.68 -20.57 18.16
CA LYS A 441 18.36 -21.28 19.40
C LYS A 441 16.85 -21.33 19.68
N ARG A 442 16.08 -20.41 19.08
CA ARG A 442 14.63 -20.34 19.30
C ARG A 442 13.90 -19.75 18.14
N PHE A 443 12.62 -19.42 18.34
CA PHE A 443 11.84 -18.79 17.28
C PHE A 443 11.89 -17.28 17.47
N VAL A 444 12.05 -16.58 16.37
CA VAL A 444 12.06 -15.13 16.37
C VAL A 444 11.01 -14.79 15.34
N VAL A 445 9.97 -14.07 15.78
CA VAL A 445 8.90 -13.71 14.87
C VAL A 445 8.92 -12.21 14.68
N MET A 446 8.98 -11.79 13.42
CA MET A 446 9.01 -10.37 13.10
C MET A 446 7.76 -9.97 12.36
N ASP A 447 7.21 -8.80 12.69
CA ASP A 447 5.97 -8.35 12.04
C ASP A 447 6.12 -7.41 10.85
N THR A 448 7.35 -7.19 10.41
CA THR A 448 7.61 -6.37 9.25
C THR A 448 9.01 -6.65 8.71
N ALA A 449 9.26 -6.20 7.48
CA ALA A 449 10.53 -6.42 6.78
C ALA A 449 10.67 -5.50 5.58
N PRO A 450 11.92 -5.23 5.16
CA PRO A 450 12.14 -4.36 4.01
C PRO A 450 11.80 -5.11 2.74
N THR A 451 11.68 -4.36 1.63
CA THR A 451 11.41 -4.94 0.33
C THR A 451 12.65 -5.69 -0.20
N GLY A 452 12.44 -6.50 -1.22
CA GLY A 452 13.56 -7.21 -1.81
C GLY A 452 14.47 -6.15 -2.40
N HIS A 453 13.88 -5.10 -2.95
CA HIS A 453 14.68 -4.04 -3.53
C HIS A 453 15.59 -3.44 -2.50
N THR A 454 15.06 -3.15 -1.30
CA THR A 454 15.86 -2.57 -0.22
C THR A 454 16.92 -3.56 0.31
N LEU A 455 16.54 -4.81 0.47
CA LEU A 455 17.49 -5.81 0.93
C LEU A 455 18.70 -5.84 -0.02
N LEU A 456 18.44 -5.95 -1.32
CA LEU A 456 19.52 -5.97 -2.32
C LEU A 456 20.38 -4.73 -2.17
N LEU A 457 19.72 -3.59 -1.96
CA LEU A 457 20.43 -2.33 -1.83
C LEU A 457 21.30 -2.35 -0.57
N LEU A 458 20.75 -2.81 0.55
CA LEU A 458 21.50 -2.89 1.81
C LEU A 458 22.67 -3.85 1.69
N ASP A 459 22.43 -5.00 1.04
CA ASP A 459 23.45 -6.03 0.83
C ASP A 459 24.62 -5.53 -0.02
N ALA A 460 24.38 -4.52 -0.85
CA ALA A 460 25.43 -3.97 -1.69
C ALA A 460 26.63 -3.57 -0.85
N THR A 461 26.36 -3.15 0.37
CA THR A 461 27.41 -2.72 1.28
C THR A 461 28.03 -3.92 2.00
N THR A 480 24.51 -6.70 7.13
CA THR A 480 23.20 -7.24 6.78
C THR A 480 23.27 -8.72 6.39
N PRO A 481 22.56 -9.58 7.16
CA PRO A 481 22.46 -11.04 7.03
C PRO A 481 21.70 -11.56 5.81
N MET A 482 22.10 -11.12 4.62
CA MET A 482 21.41 -11.54 3.41
C MET A 482 21.30 -13.06 3.23
N MET A 483 22.42 -13.77 3.24
CA MET A 483 22.39 -15.23 3.08
C MET A 483 21.46 -15.90 4.08
N LEU A 484 21.44 -15.36 5.30
CA LEU A 484 20.58 -15.88 6.35
C LEU A 484 19.12 -15.78 5.90
N LEU A 485 18.72 -14.61 5.42
CA LEU A 485 17.34 -14.38 4.96
C LEU A 485 17.00 -15.30 3.79
N GLN A 486 17.99 -15.52 2.94
CA GLN A 486 17.84 -16.37 1.75
C GLN A 486 17.70 -17.88 2.05
N ASP A 487 18.32 -18.32 3.13
CA ASP A 487 18.30 -19.73 3.55
C ASP A 487 16.89 -20.20 3.98
N PRO A 488 16.28 -21.09 3.20
CA PRO A 488 14.94 -21.67 3.42
C PRO A 488 14.73 -22.23 4.82
N GLU A 489 15.79 -22.74 5.43
CA GLU A 489 15.69 -23.32 6.76
C GLU A 489 15.61 -22.21 7.79
N ARG A 490 16.77 -21.61 8.08
CA ARG A 490 16.85 -20.56 9.06
C ARG A 490 15.75 -19.53 9.00
N THR A 491 15.22 -19.28 7.80
CA THR A 491 14.17 -18.26 7.63
C THR A 491 12.95 -18.62 6.77
N LYS A 492 11.76 -18.35 7.28
CA LYS A 492 10.51 -18.57 6.56
C LYS A 492 9.79 -17.23 6.55
N VAL A 493 9.64 -16.67 5.36
CA VAL A 493 8.96 -15.38 5.17
C VAL A 493 7.52 -15.68 4.87
N LEU A 494 6.62 -14.99 5.57
CA LEU A 494 5.18 -15.17 5.34
C LEU A 494 4.58 -13.86 4.81
N LEU A 495 3.81 -13.96 3.74
CA LEU A 495 3.19 -12.82 3.13
C LEU A 495 1.74 -12.75 3.58
N VAL A 496 1.35 -11.61 4.12
CA VAL A 496 0.00 -11.42 4.63
C VAL A 496 -0.79 -10.57 3.65
N THR A 497 -1.99 -11.01 3.33
CA THR A 497 -2.82 -10.29 2.38
C THR A 497 -4.30 -10.51 2.71
N LEU A 498 -5.15 -9.92 1.88
CA LEU A 498 -6.58 -9.98 2.06
C LEU A 498 -7.15 -10.72 0.87
N PRO A 499 -8.35 -11.30 1.01
CA PRO A 499 -8.95 -12.01 -0.13
C PRO A 499 -9.55 -11.06 -1.14
N GLU A 500 -8.76 -10.07 -1.54
CA GLU A 500 -9.21 -9.05 -2.48
C GLU A 500 -8.27 -8.87 -3.69
N THR A 501 -8.85 -8.43 -4.81
CA THR A 501 -8.07 -8.25 -6.03
C THR A 501 -6.78 -7.44 -5.94
N THR A 502 -6.88 -6.17 -5.56
CA THR A 502 -5.70 -5.30 -5.46
C THR A 502 -4.74 -5.82 -4.38
N PRO A 503 -5.28 -6.17 -3.20
CA PRO A 503 -4.39 -6.68 -2.16
C PRO A 503 -3.55 -7.88 -2.59
N VAL A 504 -4.14 -8.79 -3.34
CA VAL A 504 -3.42 -9.99 -3.81
C VAL A 504 -2.34 -9.60 -4.84
N LEU A 505 -2.71 -8.73 -5.79
CA LEU A 505 -1.75 -8.26 -6.80
C LEU A 505 -0.57 -7.57 -6.10
N GLU A 506 -0.84 -6.72 -5.12
CA GLU A 506 0.25 -6.03 -4.43
C GLU A 506 1.10 -7.03 -3.67
N ALA A 507 0.48 -8.08 -3.15
CA ALA A 507 1.24 -9.09 -2.43
C ALA A 507 2.12 -9.86 -3.44
N ALA A 508 1.56 -10.20 -4.60
CA ALA A 508 2.31 -10.93 -5.62
C ALA A 508 3.53 -10.11 -6.04
N ASN A 509 3.35 -8.80 -6.17
CA ASN A 509 4.45 -7.91 -6.55
C ASN A 509 5.52 -7.83 -5.44
N LEU A 510 5.07 -7.84 -4.20
CA LEU A 510 5.97 -7.82 -3.07
C LEU A 510 6.76 -9.14 -3.11
N GLN A 511 6.09 -10.24 -3.46
CA GLN A 511 6.76 -11.52 -3.57
C GLN A 511 7.75 -11.55 -4.76
N ALA A 512 7.34 -11.05 -5.93
CA ALA A 512 8.24 -11.02 -7.11
C ALA A 512 9.51 -10.29 -6.76
N ASP A 513 9.38 -9.17 -6.06
CA ASP A 513 10.54 -8.39 -5.70
C ASP A 513 11.45 -9.17 -4.76
N LEU A 514 10.86 -9.85 -3.79
CA LEU A 514 11.66 -10.61 -2.84
C LEU A 514 12.38 -11.71 -3.59
N GLU A 515 11.68 -12.36 -4.51
CA GLU A 515 12.31 -13.43 -5.29
C GLU A 515 13.56 -12.95 -6.02
N ARG A 516 13.57 -11.68 -6.49
CA ARG A 516 14.77 -11.11 -7.16
C ARG A 516 15.94 -11.04 -6.18
N ALA A 517 15.62 -10.88 -4.89
CA ALA A 517 16.62 -10.77 -3.85
C ALA A 517 17.02 -12.15 -3.35
N GLY A 518 16.57 -13.18 -4.06
CA GLY A 518 16.87 -14.55 -3.71
C GLY A 518 16.10 -15.07 -2.50
N ILE A 519 14.92 -14.49 -2.25
CA ILE A 519 14.12 -14.90 -1.10
C ILE A 519 12.77 -15.40 -1.54
N HIS A 520 12.46 -16.64 -1.21
CA HIS A 520 11.18 -17.21 -1.58
C HIS A 520 10.18 -17.29 -0.42
N PRO A 521 9.07 -16.53 -0.51
CA PRO A 521 8.12 -16.61 0.60
C PRO A 521 7.75 -18.07 0.82
N TRP A 522 7.78 -18.48 2.08
CA TRP A 522 7.47 -19.85 2.48
C TRP A 522 5.96 -20.10 2.46
N GLY A 523 5.19 -19.05 2.72
CA GLY A 523 3.76 -19.19 2.70
C GLY A 523 3.03 -17.88 2.75
N TRP A 524 1.76 -17.94 2.38
CA TRP A 524 0.92 -16.78 2.35
C TRP A 524 -0.21 -16.98 3.35
N ILE A 525 -0.57 -15.90 4.04
CA ILE A 525 -1.67 -15.93 4.97
C ILE A 525 -2.73 -14.96 4.45
N ILE A 526 -3.92 -15.47 4.15
CA ILE A 526 -5.01 -14.63 3.68
C ILE A 526 -5.84 -14.23 4.90
N ASN A 527 -5.65 -13.01 5.38
CA ASN A 527 -6.36 -12.53 6.56
C ASN A 527 -7.70 -11.87 6.26
N ASN A 528 -8.46 -11.57 7.32
CA ASN A 528 -9.79 -10.97 7.23
C ASN A 528 -10.72 -11.69 6.25
N SER A 529 -10.85 -13.00 6.38
CA SER A 529 -11.75 -13.68 5.48
C SER A 529 -13.11 -13.84 6.11
N LEU A 530 -14.12 -13.69 5.27
CA LEU A 530 -15.51 -13.82 5.64
C LEU A 530 -16.00 -15.21 5.28
N SER A 531 -15.42 -15.81 4.24
CA SER A 531 -15.90 -17.12 3.82
C SER A 531 -15.52 -18.22 4.81
N ILE A 532 -14.85 -17.86 5.89
CA ILE A 532 -14.41 -18.82 6.89
C ILE A 532 -14.99 -18.38 8.26
N ALA A 533 -15.93 -17.44 8.19
CA ALA A 533 -16.55 -16.89 9.40
C ALA A 533 -18.03 -17.25 9.48
N ASP A 534 -18.54 -17.27 10.71
CA ASP A 534 -19.94 -17.63 10.98
C ASP A 534 -20.92 -16.46 10.88
N THR A 535 -21.71 -16.43 9.82
CA THR A 535 -22.67 -15.35 9.67
C THR A 535 -23.78 -15.70 8.68
N ARG A 536 -24.99 -15.26 9.02
CA ARG A 536 -26.16 -15.52 8.21
C ARG A 536 -26.61 -14.26 7.49
N SER A 537 -25.85 -13.17 7.69
CA SER A 537 -26.16 -11.91 7.03
C SER A 537 -26.17 -12.19 5.56
N PRO A 538 -27.29 -11.93 4.88
CA PRO A 538 -27.25 -12.24 3.45
C PRO A 538 -26.13 -11.50 2.69
N LEU A 539 -25.92 -10.23 3.02
CA LEU A 539 -24.90 -9.41 2.37
C LEU A 539 -23.50 -9.95 2.65
N LEU A 540 -23.21 -10.31 3.90
CA LEU A 540 -21.90 -10.85 4.23
C LEU A 540 -21.60 -12.16 3.49
N ARG A 541 -22.60 -13.02 3.36
CA ARG A 541 -22.43 -14.30 2.66
C ARG A 541 -22.12 -14.00 1.22
N MET A 542 -22.71 -12.93 0.72
CA MET A 542 -22.49 -12.53 -0.66
C MET A 542 -21.06 -11.98 -0.88
N ARG A 543 -20.52 -11.28 0.12
CA ARG A 543 -19.15 -10.76 0.02
C ARG A 543 -18.20 -11.96 0.09
N ALA A 544 -18.49 -12.88 1.01
CA ALA A 544 -17.70 -14.07 1.22
C ALA A 544 -17.56 -14.89 -0.06
N GLN A 545 -18.62 -14.90 -0.89
CA GLN A 545 -18.60 -15.64 -2.15
C GLN A 545 -17.73 -14.88 -3.14
N GLN A 546 -17.74 -13.55 -3.01
CA GLN A 546 -16.92 -12.70 -3.87
C GLN A 546 -15.41 -12.99 -3.67
N GLU A 547 -15.04 -13.45 -2.48
CA GLU A 547 -13.65 -13.77 -2.14
C GLU A 547 -13.12 -15.06 -2.80
N LEU A 548 -14.03 -15.93 -3.23
CA LEU A 548 -13.67 -17.22 -3.81
C LEU A 548 -12.63 -17.17 -4.90
N PRO A 549 -12.82 -16.31 -5.90
CA PRO A 549 -11.83 -16.25 -6.98
C PRO A 549 -10.44 -15.83 -6.50
N GLN A 550 -10.41 -14.88 -5.56
CA GLN A 550 -9.15 -14.36 -5.02
C GLN A 550 -8.41 -15.42 -4.22
N ILE A 551 -9.13 -16.11 -3.35
CA ILE A 551 -8.51 -17.14 -2.54
C ILE A 551 -8.01 -18.24 -3.47
N GLU A 552 -8.73 -18.45 -4.59
CA GLU A 552 -8.32 -19.45 -5.56
C GLU A 552 -6.99 -19.09 -6.24
N SER A 553 -6.87 -17.87 -6.76
CA SER A 553 -5.62 -17.46 -7.44
C SER A 553 -4.40 -17.51 -6.52
N VAL A 554 -4.61 -17.31 -5.23
CA VAL A 554 -3.49 -17.37 -4.30
C VAL A 554 -3.03 -18.81 -4.18
N LYS A 555 -3.99 -19.71 -4.04
CA LYS A 555 -3.69 -21.12 -3.87
C LYS A 555 -2.99 -21.77 -5.08
N ARG A 556 -3.36 -21.39 -6.30
CA ARG A 556 -2.76 -22.01 -7.49
C ARG A 556 -1.72 -21.22 -8.27
N GLN A 557 -1.66 -19.93 -8.03
CA GLN A 557 -0.74 -19.10 -8.79
C GLN A 557 0.30 -18.31 -8.00
N HIS A 558 0.08 -18.13 -6.70
CA HIS A 558 1.01 -17.32 -5.92
C HIS A 558 1.71 -17.99 -4.75
N ALA A 559 1.01 -18.89 -4.07
CA ALA A 559 1.59 -19.49 -2.91
C ALA A 559 1.58 -21.01 -2.84
N SER A 560 2.57 -21.57 -2.16
CA SER A 560 2.68 -23.02 -1.99
C SER A 560 1.88 -23.45 -0.76
N ARG A 561 2.08 -22.71 0.33
CA ARG A 561 1.42 -22.93 1.62
C ARG A 561 0.56 -21.71 1.92
N VAL A 562 -0.74 -21.94 2.08
CA VAL A 562 -1.70 -20.87 2.34
C VAL A 562 -2.58 -21.10 3.56
N ALA A 563 -2.90 -20.01 4.26
CA ALA A 563 -3.74 -20.06 5.44
C ALA A 563 -4.86 -19.06 5.35
N LEU A 564 -6.00 -19.45 5.92
CA LEU A 564 -7.19 -18.63 5.95
C LEU A 564 -7.46 -18.21 7.37
N VAL A 565 -7.83 -16.95 7.52
CA VAL A 565 -8.13 -16.37 8.80
C VAL A 565 -9.43 -15.62 8.62
N PRO A 566 -10.34 -15.81 9.56
CA PRO A 566 -11.63 -15.14 9.48
C PRO A 566 -11.58 -13.69 9.97
N VAL A 567 -12.54 -12.90 9.55
CA VAL A 567 -12.67 -11.53 10.05
C VAL A 567 -13.24 -11.78 11.44
N LEU A 568 -12.57 -11.32 12.49
CA LEU A 568 -13.07 -11.55 13.85
C LEU A 568 -14.12 -10.62 14.40
N ALA A 569 -14.42 -9.53 13.69
CA ALA A 569 -15.38 -8.57 14.21
C ALA A 569 -14.62 -8.01 15.40
N SER A 570 -15.02 -6.86 15.92
CA SER A 570 -14.28 -6.27 17.05
C SER A 570 -12.81 -6.25 16.66
N GLU A 571 -11.92 -6.03 17.61
CA GLU A 571 -10.50 -6.02 17.29
C GLU A 571 -9.82 -7.12 18.09
N PRO A 572 -8.84 -7.81 17.49
CA PRO A 572 -8.15 -8.88 18.22
C PRO A 572 -7.08 -8.32 19.15
N THR A 573 -7.53 -7.53 20.12
CA THR A 573 -6.67 -6.87 21.11
C THR A 573 -6.04 -7.81 22.15
N GLY A 574 -6.76 -8.84 22.57
CA GLY A 574 -6.19 -9.74 23.58
C GLY A 574 -6.05 -11.22 23.29
N ILE A 575 -5.06 -11.83 23.95
CA ILE A 575 -4.76 -13.26 23.85
C ILE A 575 -5.97 -14.14 23.48
N ASP A 576 -7.09 -13.93 24.17
CA ASP A 576 -8.26 -14.74 23.85
C ASP A 576 -8.51 -14.66 22.37
N LYS A 577 -8.83 -13.45 21.91
CA LYS A 577 -9.13 -13.18 20.51
C LYS A 577 -8.01 -13.65 19.58
N LEU A 578 -6.79 -13.37 20.00
CA LEU A 578 -5.59 -13.73 19.27
C LEU A 578 -5.51 -15.26 19.16
N LYS A 579 -6.08 -15.97 20.14
CA LYS A 579 -6.07 -17.44 20.09
C LYS A 579 -7.16 -17.98 19.15
N GLN A 580 -8.21 -17.18 18.94
CA GLN A 580 -9.33 -17.57 18.07
C GLN A 580 -9.01 -17.49 16.58
N LEU A 581 -8.08 -16.60 16.19
CA LEU A 581 -7.73 -16.43 14.79
C LEU A 581 -7.08 -17.68 14.24
N ALA A 582 -6.29 -18.35 15.07
CA ALA A 582 -5.57 -19.53 14.63
C ALA A 582 -6.41 -20.75 14.23
N GLY A 583 -7.52 -20.98 14.94
CA GLY A 583 -8.35 -22.16 14.68
C GLY A 583 -7.69 -23.33 15.39
N HIS A 584 -8.05 -24.58 15.08
CA HIS A 584 -7.43 -25.71 15.80
C HIS A 584 -6.52 -26.66 15.04
N HIS A 585 -6.10 -27.71 15.76
CA HIS A 585 -5.17 -28.73 15.26
C HIS A 585 -5.67 -29.85 14.34
N HIS A 586 -4.74 -30.77 14.05
CA HIS A 586 -4.94 -31.92 13.17
C HIS A 586 -5.69 -31.54 11.91
SB SB B . 12.63 4.29 -1.14
SB SB C . 14.94 2.82 -3.69
SB SB D . 11.85 8.47 -1.90
MG MG E . -7.05 1.00 -8.25
MG MG F . 2.47 -3.36 12.12
CD CD G . -2.17 -33.65 15.89
CD CD H . 0.37 -30.40 8.90
CD CD I . -11.20 -30.47 13.04
CD CD J . 27.06 2.98 7.73
CD CD K . 7.64 7.00 18.94
CD CD L . 16.33 -19.82 -4.97
CL CL M . 12.31 2.34 -2.82
CL CL N . 13.92 3.51 -6.06
CL CL O . 11.41 9.20 -4.30
SB SBO P . -14.34 -5.07 -0.85
O1 SBO P . -13.76 -3.28 -1.78
O2 SBO P . -12.94 -6.31 -1.21
O3 SBO P . -14.94 -4.33 1.06
PB ADP Q . -8.43 0.51 -5.40
O1B ADP Q . -8.46 1.50 -4.19
O2B ADP Q . -7.53 -0.63 -5.29
O3B ADP Q . -8.41 1.28 -6.73
PA ADP Q . -10.84 -0.82 -6.34
O1A ADP Q . -12.11 -0.20 -6.18
O2A ADP Q . -10.18 -1.36 -7.55
O3A ADP Q . -9.90 -0.05 -5.25
O5' ADP Q . -11.09 -2.14 -5.49
C5' ADP Q . -11.45 -3.14 -4.51
C4' ADP Q . -12.33 -4.18 -5.11
O4' ADP Q . -13.58 -3.88 -4.36
C3' ADP Q . -12.93 -4.47 -6.47
O3' ADP Q . -12.92 -5.92 -6.67
C2' ADP Q . -14.35 -3.76 -6.33
O2' ADP Q . -15.19 -3.83 -7.51
C1' ADP Q . -14.90 -3.76 -4.89
N9 ADP Q . -15.42 -2.56 -4.11
C8 ADP Q . -15.01 -1.31 -4.05
N7 ADP Q . -15.76 -0.59 -3.31
C5 ADP Q . -16.81 -1.39 -2.88
C6 ADP Q . -18.03 -1.34 -2.07
N6 ADP Q . -18.52 -0.19 -1.48
N1 ADP Q . -18.77 -2.45 -1.85
C2 ADP Q . -18.45 -3.62 -2.40
N3 ADP Q . -17.36 -3.70 -3.22
C4 ADP Q . -16.59 -2.61 -3.42
PB ADP R . -0.05 -4.32 9.95
O1B ADP R . -0.24 -5.33 8.78
O2B ADP R . -0.22 -2.89 9.59
O3B ADP R . 1.11 -4.63 10.91
PA ADP R . -2.31 -4.80 11.94
O1A ADP R . -2.43 -6.24 12.16
O2A ADP R . -1.81 -3.76 12.87
O3A ADP R . -1.27 -4.84 10.75
O5' ADP R . -3.76 -4.34 11.46
C5' ADP R . -5.05 -4.21 10.89
C4' ADP R . -5.80 -3.61 12.04
O4' ADP R . -6.83 -4.65 11.76
C3' ADP R . -5.88 -3.59 13.55
O3' ADP R . -6.93 -2.66 13.89
C2' ADP R . -6.47 -5.04 13.82
O2' ADP R . -6.60 -5.41 15.20
C1' ADP R . -7.47 -5.48 12.75
N9 ADP R . -7.41 -6.90 12.21
C8 ADP R . -6.40 -7.59 11.70
N7 ADP R . -6.73 -8.79 11.44
C5 ADP R . -8.06 -8.93 11.82
C6 ADP R . -9.11 -9.93 11.80
N6 ADP R . -8.92 -11.17 11.19
N1 ADP R . -10.32 -9.63 12.32
C2 ADP R . -10.62 -8.42 12.83
N3 ADP R . -9.71 -7.42 12.82
C4 ADP R . -8.48 -7.74 12.34
#